data_3HZ6
#
_entry.id   3HZ6
#
_cell.length_a   71.512
_cell.length_b   159.427
_cell.length_c   47.185
_cell.angle_alpha   90.00
_cell.angle_beta   90.00
_cell.angle_gamma   90.00
#
_symmetry.space_group_name_H-M   'P 21 21 2'
#
loop_
_entity.id
_entity.type
_entity.pdbx_description
1 polymer Xylulokinase
2 non-polymer "ADENOSINE-5'-DIPHOSPHATE"
3 non-polymer 'PHOSPHATE ION'
4 non-polymer GLYCEROL
5 non-polymer 'MALONATE ION'
6 non-polymer D-XYLULOSE
7 water water
#
_entity_poly.entity_id   1
_entity_poly.type   'polypeptide(L)'
_entity_poly.pdbx_seq_one_letter_code
;(MSE)SLAFYIATFDIGTTEVKAALADRDGGLHFQRSIALETYGDGNGPVEQDAGDWYDAVQRIASSWWQSGVDARRVSA
IVLSGQ(MSE)QNFLPLDQDHEPLHRAVLYSDKRPLKEAEEINARHGADNLWSALENP(MSE)TAASILPKLVFWRASFP
QAFGRLRHVVLGAKDYVVLRLTGRHATDRTNASTTGLYRPKDDAWHVELLADYGFSLDL(MSE)PRLLEPGEQVGGVSAL
AARQTGFVSGTPVLCGLGDAGAATLGVGVLDDEDAYLHLGTTGWLARLTQTDPVGD(MSE)PVGTIFRLAGIIAGKTLQV
APVLNAGNILQWALTLVGHRPGEDCAEYFH(MSE)AAAEVQGVTVPDGLLFVPYLHAERCPVELPAPRGALLGVTGATTR
AQILLAVLEGAALSLRWCAELLG(MSE)EKVGLLKVVGGGARSEAWLR(MSE)IADNLNVSLLVKPDAHLHPLRGLAALA
AVELEWSHSIQDFLREADLREPASNILHPQPCDEGRRRRKFERFKQCVETLGRLDEGHHHHHH
;
_entity_poly.pdbx_strand_id   A
#
# COMPACT_ATOMS: atom_id res chain seq x y z
N SER A 2 -8.21 -1.17 38.78
CA SER A 2 -7.27 -1.32 37.66
C SER A 2 -7.36 -0.10 36.77
N LEU A 3 -6.34 0.12 35.97
CA LEU A 3 -6.33 1.26 35.07
C LEU A 3 -5.91 0.75 33.71
N ALA A 4 -6.27 1.51 32.67
CA ALA A 4 -6.04 1.07 31.29
C ALA A 4 -4.55 1.14 30.92
N PHE A 5 -4.08 0.14 30.19
CA PHE A 5 -2.75 0.21 29.56
C PHE A 5 -2.94 0.18 28.07
N TYR A 6 -1.99 0.75 27.33
CA TYR A 6 -2.18 0.93 25.89
C TYR A 6 -0.94 0.55 25.10
N ILE A 7 -1.18 0.24 23.82
CA ILE A 7 -0.11 0.18 22.77
C ILE A 7 -0.25 1.47 21.98
N ALA A 8 0.84 2.22 21.83
CA ALA A 8 0.78 3.40 20.99
C ALA A 8 1.00 2.97 19.57
N THR A 9 0.01 3.18 18.71
CA THR A 9 0.13 2.77 17.30
C THR A 9 0.15 4.01 16.42
N PHE A 10 0.98 4.01 15.37
CA PHE A 10 1.07 5.15 14.43
C PHE A 10 1.14 4.58 13.03
N ASP A 11 0.58 5.32 12.07
CA ASP A 11 0.77 5.00 10.64
C ASP A 11 1.28 6.24 9.99
N ILE A 12 2.54 6.21 9.54
CA ILE A 12 3.17 7.35 8.88
C ILE A 12 2.81 7.24 7.39
N GLY A 13 1.61 7.71 7.06
CA GLY A 13 1.02 7.51 5.74
C GLY A 13 1.52 8.50 4.70
N THR A 14 0.99 8.39 3.48
CA THR A 14 1.45 9.29 2.43
C THR A 14 0.90 10.70 2.62
N THR A 15 -0.28 10.86 3.21
CA THR A 15 -0.83 12.21 3.38
C THR A 15 -1.11 12.64 4.80
N GLU A 16 -1.06 11.69 5.73
CA GLU A 16 -1.17 12.06 7.14
C GLU A 16 -0.58 10.99 8.00
N VAL A 17 -0.28 11.40 9.21
CA VAL A 17 0.10 10.46 10.24
C VAL A 17 -1.13 10.21 11.09
N LYS A 18 -1.52 8.95 11.21
CA LYS A 18 -2.69 8.57 12.01
C LYS A 18 -2.17 7.87 13.24
N ALA A 19 -2.86 8.01 14.36
CA ALA A 19 -2.39 7.31 15.58
C ALA A 19 -3.54 7.02 16.51
N ALA A 20 -3.31 6.07 17.41
CA ALA A 20 -4.30 5.74 18.44
C ALA A 20 -3.64 5.00 19.55
N LEU A 21 -4.27 5.04 20.73
CA LEU A 21 -3.81 4.23 21.84
C LEU A 21 -4.74 3.03 21.92
N ALA A 22 -4.16 1.86 21.69
CA ALA A 22 -4.98 0.62 21.60
C ALA A 22 -5.01 -0.09 22.92
N ASP A 23 -6.22 -0.50 23.30
CA ASP A 23 -6.31 -1.34 24.49
C ASP A 23 -6.39 -2.84 24.18
N ARG A 24 -6.43 -3.68 25.21
CA ARG A 24 -6.39 -5.12 24.95
C ARG A 24 -7.66 -5.70 24.30
N ASP A 25 -8.75 -4.96 24.34
CA ASP A 25 -10.01 -5.43 23.76
C ASP A 25 -10.18 -4.99 22.31
N GLY A 26 -9.14 -4.36 21.78
CA GLY A 26 -9.18 -3.88 20.42
C GLY A 26 -9.75 -2.49 20.27
N GLY A 27 -10.04 -1.79 21.37
CA GLY A 27 -10.46 -0.41 21.18
C GLY A 27 -9.30 0.48 20.80
N LEU A 28 -9.58 1.49 19.97
CA LEU A 28 -8.57 2.45 19.54
C LEU A 28 -8.99 3.81 20.07
N HIS A 29 -8.30 4.26 21.08
CA HIS A 29 -8.65 5.46 21.83
C HIS A 29 -7.74 6.63 21.51
N PHE A 30 -8.13 7.83 21.92
CA PHE A 30 -7.30 9.01 21.70
C PHE A 30 -6.77 9.07 20.26
N GLN A 31 -7.70 8.98 19.33
CA GLN A 31 -7.31 8.95 17.91
C GLN A 31 -6.84 10.30 17.44
N ARG A 32 -5.81 10.32 16.59
CA ARG A 32 -5.18 11.55 16.14
C ARG A 32 -4.84 11.47 14.68
N SER A 33 -4.80 12.63 14.04
CA SER A 33 -4.38 12.70 12.64
C SER A 33 -3.63 14.02 12.48
N ILE A 34 -2.45 13.96 11.85
CA ILE A 34 -1.68 15.15 11.54
C ILE A 34 -1.41 15.15 10.04
N ALA A 35 -1.77 16.22 9.33
CA ALA A 35 -1.59 16.21 7.89
C ALA A 35 -0.13 16.42 7.55
N LEU A 36 0.29 15.77 6.46
CA LEU A 36 1.64 15.99 5.91
C LEU A 36 1.59 16.69 4.54
N GLU A 37 2.57 17.53 4.28
CA GLU A 37 2.70 18.18 2.98
C GLU A 37 3.59 17.36 2.06
N THR A 38 3.19 17.26 0.80
CA THR A 38 3.99 16.60 -0.23
C THR A 38 4.45 17.65 -1.20
N TYR A 39 5.69 17.55 -1.62
CA TYR A 39 6.26 18.53 -2.55
C TYR A 39 6.48 17.92 -3.91
N GLY A 40 6.43 18.76 -4.95
CA GLY A 40 6.66 18.33 -6.32
C GLY A 40 5.58 18.73 -7.29
N ASP A 41 4.41 19.10 -6.73
CA ASP A 41 3.30 19.64 -7.51
C ASP A 41 2.85 18.73 -8.66
N GLY A 42 3.06 17.41 -8.55
CA GLY A 42 2.65 16.48 -9.58
C GLY A 42 3.45 16.56 -10.86
N ASN A 43 4.58 17.24 -10.79
CA ASN A 43 5.44 17.48 -11.96
C ASN A 43 6.56 16.47 -12.15
N GLY A 44 6.58 15.41 -11.34
CA GLY A 44 7.66 14.44 -11.44
C GLY A 44 8.17 14.08 -10.03
N PRO A 45 8.64 15.06 -9.27
CA PRO A 45 9.08 14.72 -7.89
C PRO A 45 7.91 14.45 -6.97
N VAL A 46 8.12 13.51 -6.03
CA VAL A 46 7.14 13.30 -4.99
C VAL A 46 7.98 13.17 -3.71
N GLU A 47 7.98 14.22 -2.91
CA GLU A 47 8.96 14.33 -1.82
C GLU A 47 8.33 14.84 -0.53
N GLN A 48 8.94 14.46 0.60
CA GLN A 48 8.53 14.99 1.90
C GLN A 48 9.73 15.29 2.77
N ASP A 49 9.55 16.17 3.74
CA ASP A 49 10.60 16.39 4.74
C ASP A 49 10.42 15.37 5.84
N ALA A 50 11.39 14.45 5.98
CA ALA A 50 11.25 13.37 6.97
C ALA A 50 11.06 13.92 8.36
N GLY A 51 11.65 15.09 8.65
CA GLY A 51 11.46 15.63 9.99
C GLY A 51 9.99 15.86 10.32
N ASP A 52 9.18 16.11 9.31
CA ASP A 52 7.73 16.27 9.54
C ASP A 52 7.09 15.02 10.12
N TRP A 53 7.64 13.85 9.79
CA TRP A 53 7.07 12.61 10.31
C TRP A 53 7.31 12.54 11.82
N TYR A 54 8.50 12.88 12.27
CA TYR A 54 8.78 12.80 13.69
C TYR A 54 8.13 13.97 14.39
N ASP A 55 8.06 15.14 13.74
CA ASP A 55 7.35 16.28 14.35
C ASP A 55 5.87 15.86 14.64
N ALA A 56 5.26 15.15 13.69
CA ALA A 56 3.88 14.69 13.89
C ALA A 56 3.79 13.77 15.08
N VAL A 57 4.76 12.83 15.21
CA VAL A 57 4.73 11.91 16.35
C VAL A 57 4.88 12.70 17.65
N GLN A 58 5.75 13.71 17.67
CA GLN A 58 5.90 14.53 18.88
C GLN A 58 4.59 15.25 19.22
N ARG A 59 3.93 15.78 18.20
CA ARG A 59 2.69 16.55 18.43
C ARG A 59 1.61 15.61 18.97
N ILE A 60 1.55 14.41 18.38
CA ILE A 60 0.59 13.43 18.83
C ILE A 60 0.81 13.00 20.30
N ALA A 61 2.06 12.67 20.63
CA ALA A 61 2.35 12.21 21.97
C ALA A 61 2.02 13.34 22.96
N SER A 62 2.40 14.56 22.59
CA SER A 62 2.11 15.71 23.50
C SER A 62 0.60 15.82 23.72
N SER A 63 -0.17 15.63 22.66
CA SER A 63 -1.62 15.70 22.77
CA SER A 63 -1.62 15.70 22.77
C SER A 63 -2.21 14.59 23.62
N TRP A 64 -1.52 13.46 23.70
CA TRP A 64 -1.96 12.42 24.58
C TRP A 64 -1.68 12.78 26.03
N TRP A 65 -0.46 13.22 26.34
CA TRP A 65 -0.14 13.43 27.76
C TRP A 65 -1.02 14.57 28.30
N GLN A 66 -1.24 15.57 27.46
CA GLN A 66 -2.08 16.71 27.87
C GLN A 66 -3.59 16.45 27.81
N SER A 67 -3.97 15.28 27.35
CA SER A 67 -5.35 14.81 27.44
C SER A 67 -5.54 13.87 28.61
N GLY A 68 -4.52 13.80 29.48
CA GLY A 68 -4.63 13.01 30.68
C GLY A 68 -4.04 11.60 30.62
N VAL A 69 -3.45 11.23 29.48
CA VAL A 69 -2.83 9.92 29.41
C VAL A 69 -1.48 9.90 30.13
N ASP A 70 -1.28 8.87 30.97
CA ASP A 70 -0.02 8.69 31.69
C ASP A 70 0.90 7.89 30.81
N ALA A 71 2.04 8.46 30.39
CA ALA A 71 2.92 7.74 29.47
C ALA A 71 3.48 6.47 30.02
N ARG A 72 3.39 6.28 31.35
CA ARG A 72 3.90 5.04 31.89
C ARG A 72 2.98 3.89 31.58
N ARG A 73 1.77 4.20 31.15
CA ARG A 73 0.79 3.16 30.87
C ARG A 73 0.81 2.80 29.39
N VAL A 74 1.73 3.42 28.64
CA VAL A 74 2.00 2.98 27.27
C VAL A 74 3.07 1.89 27.28
N SER A 75 2.64 0.68 26.98
CA SER A 75 3.48 -0.50 27.21
C SER A 75 4.38 -0.85 26.03
N ALA A 76 4.03 -0.28 24.87
CA ALA A 76 4.83 -0.52 23.66
C ALA A 76 4.44 0.55 22.63
N ILE A 77 5.37 0.83 21.75
CA ILE A 77 5.12 1.75 20.61
C ILE A 77 5.38 0.96 19.35
N VAL A 78 4.50 1.07 18.35
CA VAL A 78 4.70 0.27 17.12
C VAL A 78 4.11 1.08 15.95
N LEU A 79 4.81 1.05 14.83
CA LEU A 79 4.44 1.93 13.68
C LEU A 79 4.37 1.15 12.41
N SER A 80 3.51 1.64 11.53
CA SER A 80 3.55 1.28 10.11
C SER A 80 3.72 2.56 9.32
N GLY A 81 3.83 2.44 8.00
CA GLY A 81 3.84 3.67 7.22
C GLY A 81 4.24 3.41 5.80
N GLN A 82 4.49 4.51 5.10
CA GLN A 82 4.79 4.41 3.67
C GLN A 82 5.95 3.49 3.44
N GLN A 84 8.81 1.72 0.51
CA GLN A 84 9.52 2.06 -0.75
C GLN A 84 9.96 3.52 -0.81
N ASN A 85 10.50 4.01 0.30
CA ASN A 85 11.03 5.36 0.39
C ASN A 85 12.53 5.36 0.07
N PHE A 86 13.01 6.50 -0.39
CA PHE A 86 14.45 6.70 -0.45
C PHE A 86 14.77 7.92 0.43
N LEU A 87 15.47 7.69 1.55
CA LEU A 87 15.81 8.85 2.42
C LEU A 87 17.26 8.71 2.85
N PRO A 88 18.13 9.55 2.29
CA PRO A 88 19.54 9.43 2.69
C PRO A 88 19.86 10.25 3.92
N LEU A 89 20.55 9.64 4.87
CA LEU A 89 20.90 10.34 6.12
C LEU A 89 22.40 10.40 6.34
N ASP A 90 22.81 11.41 7.09
CA ASP A 90 24.24 11.51 7.47
C ASP A 90 24.53 10.80 8.81
N GLN A 91 25.75 10.94 9.30
CA GLN A 91 26.14 10.21 10.50
C GLN A 91 25.39 10.67 11.73
N ASP A 92 24.77 11.86 11.71
CA ASP A 92 23.95 12.34 12.81
C ASP A 92 22.48 12.04 12.62
N HIS A 93 22.21 11.16 11.67
CA HIS A 93 20.84 10.77 11.31
C HIS A 93 20.02 11.91 10.72
N GLU A 94 20.68 12.96 10.24
CA GLU A 94 20.00 14.09 9.64
C GLU A 94 19.83 13.87 8.13
N PRO A 95 18.66 14.26 7.60
CA PRO A 95 18.46 14.04 6.15
C PRO A 95 19.43 14.80 5.28
N LEU A 96 19.86 14.15 4.21
CA LEU A 96 20.75 14.78 3.21
C LEU A 96 19.95 15.23 1.97
N HIS A 97 18.68 14.85 1.91
CA HIS A 97 17.75 15.21 0.83
C HIS A 97 16.36 14.98 1.38
N ARG A 98 15.37 15.62 0.78
CA ARG A 98 14.00 15.24 1.11
C ARG A 98 13.80 13.74 0.86
N ALA A 99 12.97 13.11 1.70
CA ALA A 99 12.56 11.73 1.42
C ALA A 99 11.84 11.73 0.06
N VAL A 100 12.17 10.74 -0.76
CA VAL A 100 11.55 10.53 -2.05
C VAL A 100 10.51 9.41 -1.92
N LEU A 101 9.28 9.68 -2.31
CA LEU A 101 8.19 8.74 -2.07
C LEU A 101 8.08 7.70 -3.20
N TYR A 102 7.35 6.63 -2.88
CA TYR A 102 7.26 5.50 -3.79
C TYR A 102 6.78 5.84 -5.18
N SER A 103 5.91 6.84 -5.25
CA SER A 103 5.29 7.13 -6.53
C SER A 103 6.15 8.00 -7.44
N ASP A 104 7.30 8.49 -6.92
CA ASP A 104 8.27 9.22 -7.74
C ASP A 104 8.97 8.22 -8.66
N LYS A 105 8.91 8.46 -9.99
CA LYS A 105 9.51 7.51 -10.93
C LYS A 105 10.42 8.28 -11.91
N ARG A 106 11.07 9.31 -11.40
CA ARG A 106 12.00 10.06 -12.26
C ARG A 106 13.19 9.29 -12.86
N PRO A 107 13.79 8.31 -12.15
CA PRO A 107 15.01 7.65 -12.63
C PRO A 107 14.79 6.56 -13.67
N LEU A 108 14.13 6.91 -14.77
CA LEU A 108 13.86 5.91 -15.81
C LEU A 108 15.12 5.36 -16.47
N LYS A 109 16.07 6.22 -16.78
CA LYS A 109 17.27 5.76 -17.44
C LYS A 109 18.12 4.88 -16.56
N GLU A 110 18.16 5.23 -15.28
CA GLU A 110 18.91 4.45 -14.30
C GLU A 110 18.32 3.04 -14.17
N ALA A 111 17.01 2.95 -14.06
CA ALA A 111 16.40 1.62 -14.01
C ALA A 111 16.65 0.82 -15.29
N GLU A 112 16.59 1.48 -16.43
CA GLU A 112 16.83 0.78 -17.70
C GLU A 112 18.26 0.25 -17.71
N GLU A 113 19.22 1.05 -17.23
CA GLU A 113 20.62 0.63 -17.21
C GLU A 113 20.83 -0.54 -16.28
N ILE A 114 20.18 -0.49 -15.10
CA ILE A 114 20.35 -1.59 -14.17
C ILE A 114 19.78 -2.88 -14.70
N ASN A 115 18.57 -2.80 -15.27
CA ASN A 115 18.00 -4.00 -15.89
C ASN A 115 18.84 -4.52 -17.04
N ALA A 116 19.39 -3.61 -17.84
CA ALA A 116 20.24 -4.07 -18.96
C ALA A 116 21.53 -4.72 -18.50
N ARG A 117 22.16 -4.15 -17.49
CA ARG A 117 23.43 -4.63 -17.01
C ARG A 117 23.28 -5.99 -16.36
N HIS A 118 22.30 -6.08 -15.47
CA HIS A 118 22.13 -7.28 -14.68
C HIS A 118 21.21 -8.35 -15.27
N GLY A 119 20.32 -7.95 -16.16
CA GLY A 119 19.35 -8.86 -16.76
C GLY A 119 18.04 -8.77 -16.00
N ALA A 120 17.00 -8.33 -16.68
CA ALA A 120 15.70 -8.16 -16.04
C ALA A 120 15.23 -9.45 -15.40
N ASP A 121 15.41 -10.55 -16.11
CA ASP A 121 15.01 -11.86 -15.58
C ASP A 121 15.83 -12.33 -14.38
N ASN A 122 17.15 -12.06 -14.37
CA ASN A 122 18.02 -12.36 -13.25
C ASN A 122 17.54 -11.57 -12.03
N LEU A 123 17.23 -10.28 -12.25
CA LEU A 123 16.82 -9.44 -11.09
C LEU A 123 15.49 -9.96 -10.54
N TRP A 124 14.57 -10.35 -11.46
CA TRP A 124 13.23 -10.76 -11.02
C TRP A 124 13.38 -12.06 -10.21
N SER A 125 14.24 -12.97 -10.68
CA SER A 125 14.49 -14.20 -9.96
C SER A 125 15.04 -13.93 -8.56
N ALA A 126 15.95 -12.97 -8.42
CA ALA A 126 16.56 -12.72 -7.13
C ALA A 126 15.64 -11.94 -6.21
N LEU A 127 14.98 -10.93 -6.77
CA LEU A 127 14.26 -9.96 -5.91
C LEU A 127 12.80 -10.35 -5.71
N GLU A 128 12.22 -11.06 -6.69
CA GLU A 128 10.78 -11.41 -6.71
C GLU A 128 9.92 -10.19 -6.68
N ASN A 129 10.47 -9.03 -7.11
CA ASN A 129 9.78 -7.77 -7.04
C ASN A 129 10.30 -6.91 -8.18
N PRO A 130 9.53 -5.89 -8.57
CA PRO A 130 9.92 -5.12 -9.76
C PRO A 130 11.21 -4.33 -9.58
N THR A 132 12.16 -0.97 -11.24
CA THR A 132 11.63 0.11 -12.10
C THR A 132 12.19 1.43 -11.58
N ALA A 133 11.84 2.51 -12.28
CA ALA A 133 12.34 3.83 -11.87
C ALA A 133 11.94 4.20 -10.44
N ALA A 134 10.87 3.60 -9.93
CA ALA A 134 10.43 3.90 -8.56
C ALA A 134 11.23 3.12 -7.51
N SER A 135 11.97 2.11 -7.95
CA SER A 135 12.78 1.28 -7.04
C SER A 135 13.92 2.06 -6.39
N ILE A 136 14.47 1.55 -5.29
CA ILE A 136 15.40 2.36 -4.54
C ILE A 136 16.78 2.45 -5.16
N LEU A 137 17.29 1.40 -5.79
CA LEU A 137 18.64 1.52 -6.39
C LEU A 137 18.71 2.59 -7.50
N PRO A 138 17.71 2.63 -8.38
CA PRO A 138 17.71 3.73 -9.36
C PRO A 138 17.69 5.11 -8.69
N LYS A 139 16.94 5.25 -7.62
CA LYS A 139 16.87 6.52 -6.92
C LYS A 139 18.22 6.88 -6.24
N LEU A 140 18.90 5.89 -5.63
CA LEU A 140 20.19 6.14 -5.00
C LEU A 140 21.25 6.51 -6.07
N VAL A 141 21.26 5.79 -7.19
CA VAL A 141 22.19 6.13 -8.26
C VAL A 141 21.90 7.54 -8.83
N PHE A 142 20.63 7.87 -9.06
CA PHE A 142 20.20 9.20 -9.57
C PHE A 142 20.63 10.28 -8.61
N TRP A 143 20.45 10.05 -7.31
CA TRP A 143 20.82 11.05 -6.29
C TRP A 143 22.34 11.23 -6.17
N ARG A 144 23.11 10.14 -6.11
CA ARG A 144 24.58 10.22 -6.05
C ARG A 144 25.12 11.02 -7.22
N ALA A 145 24.54 10.81 -8.40
CA ALA A 145 25.01 11.50 -9.61
C ALA A 145 24.80 13.01 -9.58
N SER A 146 23.71 13.52 -9.00
CA SER A 146 23.43 14.96 -9.00
C SER A 146 23.92 15.64 -7.74
N PHE A 147 24.17 14.89 -6.67
CA PHE A 147 24.53 15.49 -5.38
C PHE A 147 25.73 14.81 -4.78
N PRO A 148 26.88 14.92 -5.43
CA PRO A 148 28.05 14.17 -4.99
C PRO A 148 28.57 14.66 -3.63
N GLN A 149 28.42 15.95 -3.31
CA GLN A 149 28.93 16.39 -2.02
C GLN A 149 28.10 15.76 -0.89
N ALA A 150 26.77 15.81 -1.03
CA ALA A 150 25.93 15.23 0.03
C ALA A 150 26.17 13.72 0.04
N PHE A 151 26.35 13.10 -1.13
CA PHE A 151 26.61 11.68 -1.15
C PHE A 151 27.84 11.32 -0.32
N GLY A 152 28.84 12.19 -0.32
CA GLY A 152 30.02 11.89 0.47
C GLY A 152 29.74 11.81 1.97
N ARG A 153 28.65 12.42 2.42
CA ARG A 153 28.26 12.41 3.82
C ARG A 153 27.26 11.26 4.13
N LEU A 154 26.90 10.48 3.12
CA LEU A 154 25.90 9.42 3.32
C LEU A 154 26.34 8.34 4.29
N ARG A 155 25.49 8.05 5.28
CA ARG A 155 25.80 6.94 6.20
C ARG A 155 24.69 5.92 6.31
N HIS A 156 23.43 6.31 6.04
CA HIS A 156 22.31 5.38 6.21
C HIS A 156 21.32 5.67 5.09
N VAL A 157 20.75 4.62 4.51
CA VAL A 157 19.66 4.81 3.57
C VAL A 157 18.41 4.26 4.22
N VAL A 158 17.47 5.16 4.54
CA VAL A 158 16.21 4.73 5.17
C VAL A 158 15.24 4.41 4.04
N LEU A 159 14.48 3.33 4.20
CA LEU A 159 13.73 2.74 3.08
C LEU A 159 12.23 2.77 3.34
N GLY A 160 11.84 3.21 4.54
CA GLY A 160 10.40 3.33 4.81
C GLY A 160 10.19 4.39 5.85
N ALA A 161 9.09 5.12 5.76
CA ALA A 161 8.93 6.28 6.63
C ALA A 161 8.96 5.95 8.10
N LYS A 162 8.28 4.87 8.50
CA LYS A 162 8.27 4.64 9.96
C LYS A 162 9.63 4.21 10.45
N ASP A 163 10.51 3.76 9.56
CA ASP A 163 11.83 3.39 10.04
C ASP A 163 12.65 4.63 10.46
N TYR A 164 12.37 5.78 9.84
CA TYR A 164 12.99 7.04 10.23
C TYR A 164 12.52 7.40 11.63
N VAL A 165 11.22 7.26 11.87
CA VAL A 165 10.72 7.56 13.23
C VAL A 165 11.33 6.60 14.28
N VAL A 166 11.44 5.31 13.94
CA VAL A 166 12.01 4.33 14.86
C VAL A 166 13.46 4.71 15.13
N LEU A 167 14.18 5.17 14.10
CA LEU A 167 15.57 5.59 14.29
C LEU A 167 15.65 6.80 15.24
N ARG A 168 14.73 7.73 15.11
CA ARG A 168 14.74 8.91 15.97
C ARG A 168 14.38 8.52 17.41
N LEU A 169 13.50 7.54 17.55
CA LEU A 169 13.09 7.11 18.91
C LEU A 169 14.14 6.27 19.64
N THR A 170 14.92 5.48 18.91
CA THR A 170 15.77 4.44 19.53
C THR A 170 17.25 4.62 19.25
N GLY A 171 17.57 5.30 18.16
CA GLY A 171 18.95 5.38 17.70
C GLY A 171 19.39 4.21 16.82
N ARG A 172 18.47 3.32 16.45
CA ARG A 172 18.84 2.14 15.68
C ARG A 172 18.13 2.13 14.35
N HIS A 173 18.85 1.70 13.31
CA HIS A 173 18.30 1.64 11.94
C HIS A 173 17.89 0.21 11.57
N ALA A 174 16.58 0.04 11.37
CA ALA A 174 16.00 -1.26 11.08
C ALA A 174 14.90 -1.12 10.08
N THR A 175 14.51 -2.23 9.48
CA THR A 175 13.28 -2.22 8.65
C THR A 175 12.68 -3.61 8.67
N ASP A 176 11.45 -3.69 8.19
CA ASP A 176 10.78 -4.97 8.13
C ASP A 176 10.94 -5.52 6.72
N ARG A 177 10.75 -6.85 6.57
CA ARG A 177 10.94 -7.51 5.28
C ARG A 177 9.82 -7.22 4.32
N THR A 178 8.64 -6.82 4.82
CA THR A 178 7.56 -6.45 3.93
C THR A 178 7.96 -5.21 3.13
N ASN A 179 8.36 -4.16 3.85
CA ASN A 179 8.87 -3.00 3.16
C ASN A 179 10.12 -3.34 2.34
N ALA A 180 11.01 -4.12 2.91
CA ALA A 180 12.26 -4.42 2.18
C ALA A 180 11.93 -5.02 0.80
N SER A 181 10.92 -5.89 0.74
CA SER A 181 10.51 -6.48 -0.54
C SER A 181 10.20 -5.46 -1.63
N THR A 182 9.57 -4.35 -1.25
CA THR A 182 9.18 -3.38 -2.24
C THR A 182 10.34 -2.64 -2.87
N THR A 183 11.49 -2.65 -2.21
CA THR A 183 12.57 -1.71 -2.60
C THR A 183 13.34 -2.12 -3.87
N GLY A 184 13.28 -3.39 -4.23
CA GLY A 184 14.15 -3.93 -5.26
C GLY A 184 15.55 -4.12 -4.76
N LEU A 185 15.76 -4.19 -3.45
CA LEU A 185 17.10 -4.44 -2.89
C LEU A 185 17.14 -5.69 -2.04
N TYR A 186 16.02 -6.39 -1.89
CA TYR A 186 15.97 -7.53 -0.94
C TYR A 186 15.69 -8.82 -1.71
N ARG A 187 16.44 -9.86 -1.33
CA ARG A 187 16.29 -11.22 -1.90
C ARG A 187 15.54 -12.09 -0.94
N PRO A 188 14.26 -12.36 -1.22
CA PRO A 188 13.47 -13.09 -0.22
C PRO A 188 13.98 -14.51 0.02
N LYS A 189 14.42 -15.22 -1.03
CA LYS A 189 14.81 -16.63 -0.76
C LYS A 189 16.08 -16.78 0.06
N ASP A 190 17.00 -15.82 -0.03
CA ASP A 190 18.19 -15.76 0.82
C ASP A 190 17.95 -15.02 2.12
N ASP A 191 16.81 -14.33 2.20
CA ASP A 191 16.52 -13.44 3.36
C ASP A 191 17.68 -12.48 3.65
N ALA A 192 18.08 -11.75 2.61
CA ALA A 192 19.22 -10.87 2.69
C ALA A 192 19.13 -9.78 1.66
N TRP A 193 19.85 -8.69 1.89
CA TRP A 193 19.94 -7.64 0.88
C TRP A 193 20.66 -8.21 -0.29
N HIS A 194 20.41 -7.65 -1.47
CA HIS A 194 21.06 -8.12 -2.69
C HIS A 194 22.49 -7.58 -2.77
N VAL A 195 23.40 -8.27 -2.06
CA VAL A 195 24.76 -7.76 -1.86
C VAL A 195 25.47 -7.49 -3.17
N GLU A 196 25.34 -8.44 -4.10
CA GLU A 196 26.19 -8.25 -5.25
C GLU A 196 25.67 -7.20 -6.18
N LEU A 197 24.34 -7.00 -6.18
CA LEU A 197 23.77 -5.87 -6.90
C LEU A 197 24.22 -4.54 -6.26
N LEU A 198 24.16 -4.39 -4.93
CA LEU A 198 24.63 -3.16 -4.29
C LEU A 198 26.14 -2.92 -4.52
N ALA A 199 26.93 -3.98 -4.37
CA ALA A 199 28.39 -3.83 -4.53
C ALA A 199 28.75 -3.43 -5.93
N ASP A 200 28.01 -3.94 -6.92
CA ASP A 200 28.31 -3.61 -8.32
C ASP A 200 28.20 -2.12 -8.59
N TYR A 201 27.33 -1.45 -7.84
CA TYR A 201 27.14 -0.03 -7.98
C TYR A 201 27.87 0.76 -6.92
N GLY A 202 28.69 0.08 -6.13
CA GLY A 202 29.60 0.74 -5.21
C GLY A 202 28.99 1.14 -3.90
N PHE A 203 27.95 0.42 -3.48
CA PHE A 203 27.28 0.74 -2.22
C PHE A 203 27.53 -0.35 -1.20
N SER A 204 27.96 0.11 -0.02
CA SER A 204 28.25 -0.77 1.10
C SER A 204 26.96 -1.23 1.78
N LEU A 205 26.96 -2.48 2.23
CA LEU A 205 25.86 -3.02 2.96
C LEU A 205 25.63 -2.25 4.26
N ASP A 206 26.66 -1.55 4.76
CA ASP A 206 26.49 -0.76 5.99
C ASP A 206 25.43 0.33 5.91
N LEU A 207 25.06 0.68 4.69
CA LEU A 207 24.06 1.72 4.46
C LEU A 207 22.68 1.16 4.80
N PRO A 209 19.44 -0.92 6.50
CA PRO A 209 18.90 -1.19 7.84
C PRO A 209 18.98 -2.65 8.19
N ARG A 210 19.04 -2.96 9.49
CA ARG A 210 18.91 -4.33 9.95
C ARG A 210 17.48 -4.84 9.72
N LEU A 211 17.35 -6.06 9.20
CA LEU A 211 16.01 -6.68 9.04
C LEU A 211 15.50 -7.27 10.32
N LEU A 212 14.32 -6.84 10.73
CA LEU A 212 13.71 -7.37 11.94
C LEU A 212 12.28 -7.79 11.71
N GLU A 213 11.81 -8.74 12.52
CA GLU A 213 10.43 -9.14 12.45
C GLU A 213 9.55 -8.02 13.04
N PRO A 214 8.30 -7.90 12.56
CA PRO A 214 7.48 -6.76 13.02
C PRO A 214 7.31 -6.69 14.52
N GLY A 215 7.20 -7.85 15.16
CA GLY A 215 7.03 -7.86 16.61
C GLY A 215 8.30 -7.76 17.41
N GLU A 216 9.45 -7.76 16.75
CA GLU A 216 10.71 -7.67 17.47
C GLU A 216 10.94 -6.28 17.99
N GLN A 217 11.52 -6.18 19.18
CA GLN A 217 11.82 -4.86 19.72
C GLN A 217 13.09 -4.33 19.10
N VAL A 218 13.03 -3.14 18.50
CA VAL A 218 14.20 -2.50 17.93
C VAL A 218 15.08 -1.99 19.05
N GLY A 219 14.46 -1.39 20.02
CA GLY A 219 15.17 -0.90 21.20
C GLY A 219 14.17 -0.17 22.06
N GLY A 220 14.61 0.39 23.18
CA GLY A 220 13.68 1.23 23.93
C GLY A 220 13.81 2.69 23.57
N VAL A 221 12.79 3.48 23.94
CA VAL A 221 12.88 4.91 23.75
C VAL A 221 14.11 5.45 24.45
N SER A 222 14.94 6.22 23.71
CA SER A 222 16.16 6.74 24.35
C SER A 222 15.87 7.92 25.28
N ALA A 223 16.85 8.26 26.12
CA ALA A 223 16.65 9.45 26.94
C ALA A 223 16.34 10.71 26.12
N LEU A 224 17.09 10.91 25.03
CA LEU A 224 16.89 12.07 24.17
C LEU A 224 15.47 12.04 23.58
N ALA A 225 15.08 10.86 23.07
CA ALA A 225 13.74 10.80 22.45
C ALA A 225 12.66 11.02 23.50
N ALA A 226 12.91 10.57 24.73
CA ALA A 226 11.93 10.77 25.80
C ALA A 226 11.79 12.26 26.07
N ARG A 227 12.92 12.99 26.08
CA ARG A 227 12.83 14.43 26.25
C ARG A 227 12.04 15.09 25.13
N GLN A 228 12.20 14.55 23.92
CA GLN A 228 11.54 15.15 22.73
C GLN A 228 10.06 14.81 22.59
N THR A 229 9.65 13.69 23.15
CA THR A 229 8.29 13.20 22.94
C THR A 229 7.42 13.05 24.17
N GLY A 230 8.05 12.92 25.31
CA GLY A 230 7.29 12.62 26.52
C GLY A 230 6.98 11.13 26.73
N PHE A 231 7.39 10.27 25.80
CA PHE A 231 7.31 8.85 26.07
C PHE A 231 8.28 8.54 27.18
N VAL A 232 7.99 7.50 27.92
CA VAL A 232 8.94 7.08 28.98
C VAL A 232 10.16 6.42 28.38
N SER A 233 11.33 6.89 28.76
CA SER A 233 12.55 6.24 28.25
C SER A 233 12.57 4.78 28.65
N GLY A 234 12.88 3.91 27.69
CA GLY A 234 12.85 2.47 27.91
C GLY A 234 11.56 1.80 27.37
N THR A 235 10.56 2.59 26.99
CA THR A 235 9.34 1.96 26.46
C THR A 235 9.77 1.20 25.19
N PRO A 236 9.34 -0.05 25.03
CA PRO A 236 9.75 -0.83 23.85
C PRO A 236 9.23 -0.21 22.58
N VAL A 237 10.09 -0.11 21.58
CA VAL A 237 9.63 0.29 20.22
C VAL A 237 9.82 -0.93 19.35
N LEU A 238 8.71 -1.45 18.79
CA LEU A 238 8.79 -2.66 17.97
C LEU A 238 9.07 -2.22 16.55
N CYS A 239 9.51 -3.14 15.71
CA CYS A 239 9.84 -2.75 14.34
C CYS A 239 8.57 -2.36 13.56
N GLY A 240 7.47 -3.09 13.79
CA GLY A 240 6.25 -2.83 12.99
C GLY A 240 6.48 -3.25 11.55
N LEU A 241 5.63 -2.76 10.66
CA LEU A 241 5.79 -3.17 9.26
C LEU A 241 5.14 -2.18 8.32
N GLY A 242 5.48 -2.30 7.06
CA GLY A 242 4.92 -1.42 6.06
C GLY A 242 3.42 -1.42 6.06
N ASP A 243 2.85 -0.27 5.64
CA ASP A 243 1.42 -0.09 5.72
C ASP A 243 0.59 -1.15 5.00
N ALA A 244 1.06 -1.66 3.86
CA ALA A 244 0.32 -2.76 3.21
C ALA A 244 0.16 -3.99 4.07
N GLY A 245 1.23 -4.35 4.77
CA GLY A 245 1.22 -5.46 5.70
C GLY A 245 0.30 -5.16 6.89
N ALA A 246 0.43 -3.96 7.46
CA ALA A 246 -0.34 -3.65 8.65
C ALA A 246 -1.84 -3.58 8.32
N ALA A 247 -2.17 -3.02 7.16
CA ALA A 247 -3.57 -2.85 6.79
C ALA A 247 -4.18 -4.20 6.50
N THR A 248 -3.48 -5.07 5.79
CA THR A 248 -4.04 -6.38 5.53
C THR A 248 -4.21 -7.21 6.81
N LEU A 249 -3.22 -7.16 7.70
CA LEU A 249 -3.39 -7.81 8.99
C LEU A 249 -4.61 -7.26 9.72
N GLY A 250 -4.77 -5.96 9.66
CA GLY A 250 -5.80 -5.25 10.41
C GLY A 250 -7.21 -5.67 10.02
N VAL A 251 -7.37 -6.16 8.80
CA VAL A 251 -8.71 -6.65 8.39
C VAL A 251 -8.77 -8.19 8.36
N GLY A 252 -7.75 -8.86 8.90
CA GLY A 252 -7.77 -10.29 9.01
C GLY A 252 -7.37 -11.09 7.78
N VAL A 253 -6.50 -10.51 6.97
CA VAL A 253 -5.95 -11.27 5.85
C VAL A 253 -4.77 -12.08 6.45
N LEU A 254 -5.07 -13.32 6.91
CA LEU A 254 -4.13 -14.10 7.71
C LEU A 254 -3.89 -15.50 7.18
N ASP A 255 -4.78 -15.98 6.31
CA ASP A 255 -4.72 -17.36 5.85
C ASP A 255 -4.49 -17.46 4.34
N ASP A 256 -4.00 -18.63 3.90
CA ASP A 256 -3.81 -18.83 2.47
C ASP A 256 -5.10 -18.59 1.71
N GLU A 257 -4.98 -17.84 0.62
CA GLU A 257 -6.09 -17.49 -0.29
C GLU A 257 -7.02 -16.42 0.30
N ASP A 258 -6.64 -15.79 1.40
CA ASP A 258 -7.29 -14.54 1.81
C ASP A 258 -6.83 -13.45 0.81
N ALA A 259 -7.62 -12.39 0.69
CA ALA A 259 -7.38 -11.41 -0.37
C ALA A 259 -7.96 -10.08 0.01
N TYR A 260 -7.39 -9.03 -0.60
CA TYR A 260 -7.64 -7.67 -0.19
C TYR A 260 -7.69 -6.79 -1.44
N LEU A 261 -8.63 -5.85 -1.47
CA LEU A 261 -8.68 -4.90 -2.57
C LEU A 261 -8.81 -3.48 -2.01
N HIS A 262 -7.87 -2.62 -2.37
CA HIS A 262 -7.91 -1.20 -1.98
C HIS A 262 -8.41 -0.42 -3.18
N LEU A 263 -9.60 0.16 -3.07
CA LEU A 263 -10.23 0.95 -4.13
C LEU A 263 -10.14 2.41 -3.76
N GLY A 264 -8.99 3.01 -3.88
CA GLY A 264 -8.90 4.44 -3.68
C GLY A 264 -8.83 5.10 -5.04
N THR A 265 -8.31 6.32 -5.10
CA THR A 265 -8.06 6.98 -6.37
C THR A 265 -7.20 6.07 -7.25
N THR A 266 -6.15 5.54 -6.64
CA THR A 266 -5.41 4.43 -7.24
C THR A 266 -5.66 3.29 -6.27
N GLY A 267 -5.26 2.10 -6.63
CA GLY A 267 -5.56 1.00 -5.73
C GLY A 267 -4.63 -0.18 -5.88
N TRP A 268 -5.01 -1.30 -5.28
CA TRP A 268 -4.20 -2.47 -5.45
C TRP A 268 -4.99 -3.67 -4.98
N LEU A 269 -4.62 -4.80 -5.57
CA LEU A 269 -5.30 -6.09 -5.31
C LEU A 269 -4.26 -7.03 -4.80
N ALA A 270 -4.56 -7.79 -3.75
CA ALA A 270 -3.54 -8.64 -3.10
C ALA A 270 -4.10 -10.02 -2.75
N ARG A 271 -3.24 -11.02 -2.87
CA ARG A 271 -3.60 -12.40 -2.50
C ARG A 271 -2.53 -12.90 -1.54
N LEU A 272 -2.94 -13.42 -0.38
CA LEU A 272 -1.97 -14.01 0.53
C LEU A 272 -1.88 -15.49 0.22
N THR A 273 -0.66 -16.00 0.13
CA THR A 273 -0.40 -17.37 -0.38
CA THR A 273 -0.55 -17.44 -0.17
C THR A 273 0.76 -18.01 0.36
N GLN A 274 0.87 -19.32 0.35
CA GLN A 274 2.08 -19.91 0.87
C GLN A 274 3.24 -19.46 0.01
N THR A 275 4.37 -19.20 0.66
CA THR A 275 5.58 -18.82 -0.06
C THR A 275 5.96 -19.96 -1.01
N ASP A 276 6.30 -19.63 -2.24
CA ASP A 276 6.66 -20.62 -3.24
C ASP A 276 7.81 -20.06 -4.05
N PRO A 277 8.42 -20.91 -4.89
CA PRO A 277 9.43 -20.38 -5.81
C PRO A 277 8.77 -19.42 -6.78
N VAL A 278 9.51 -18.38 -7.17
CA VAL A 278 8.95 -17.38 -8.06
C VAL A 278 8.88 -17.98 -9.47
N GLY A 279 7.88 -17.58 -10.24
CA GLY A 279 7.76 -18.03 -11.61
C GLY A 279 8.45 -17.10 -12.59
N ASP A 280 8.12 -17.20 -13.87
CA ASP A 280 8.65 -16.28 -14.88
C ASP A 280 8.20 -14.84 -14.63
N PRO A 282 6.44 -11.55 -14.80
CA PRO A 282 5.08 -11.22 -15.19
C PRO A 282 5.09 -10.13 -16.24
N VAL A 283 4.11 -10.13 -17.13
CA VAL A 283 3.86 -8.96 -17.92
C VAL A 283 2.72 -8.34 -17.13
N GLY A 284 2.96 -7.17 -16.58
CA GLY A 284 2.10 -6.69 -15.53
C GLY A 284 2.93 -6.75 -14.26
N THR A 285 2.94 -5.64 -13.55
CA THR A 285 3.80 -5.51 -12.40
C THR A 285 3.21 -6.31 -11.25
N ILE A 286 4.03 -7.11 -10.58
CA ILE A 286 3.54 -7.86 -9.39
C ILE A 286 4.60 -7.77 -8.33
N PHE A 287 4.20 -7.37 -7.13
CA PHE A 287 5.07 -7.44 -5.97
C PHE A 287 4.79 -8.74 -5.23
N ARG A 288 5.83 -9.28 -4.61
CA ARG A 288 5.69 -10.44 -3.73
C ARG A 288 6.27 -10.04 -2.38
N LEU A 289 5.38 -9.70 -1.44
CA LEU A 289 5.82 -9.11 -0.18
C LEU A 289 6.02 -10.16 0.87
N ALA A 290 7.25 -10.28 1.35
CA ALA A 290 7.61 -11.23 2.39
C ALA A 290 7.24 -10.67 3.77
N GLY A 291 7.22 -11.56 4.76
CA GLY A 291 7.35 -11.12 6.13
C GLY A 291 6.09 -10.75 6.92
N ILE A 292 4.92 -10.80 6.29
CA ILE A 292 3.71 -10.37 7.00
C ILE A 292 3.25 -11.47 7.93
N ILE A 293 3.23 -12.68 7.39
CA ILE A 293 2.87 -13.90 8.16
C ILE A 293 3.94 -14.95 7.85
N ALA A 294 4.44 -15.65 8.87
CA ALA A 294 5.45 -16.68 8.60
C ALA A 294 5.04 -17.70 7.55
N GLY A 295 5.95 -17.92 6.59
CA GLY A 295 5.70 -18.91 5.56
C GLY A 295 4.78 -18.49 4.43
N LYS A 296 4.34 -17.23 4.48
CA LYS A 296 3.42 -16.75 3.47
C LYS A 296 3.99 -15.50 2.76
N THR A 297 3.49 -15.31 1.55
CA THR A 297 3.84 -14.15 0.74
C THR A 297 2.57 -13.46 0.29
N LEU A 298 2.58 -12.12 0.29
CA LEU A 298 1.42 -11.37 -0.21
C LEU A 298 1.73 -10.91 -1.60
N GLN A 299 1.00 -11.45 -2.58
CA GLN A 299 1.21 -11.10 -3.99
C GLN A 299 0.33 -9.91 -4.26
N VAL A 300 0.92 -8.83 -4.79
CA VAL A 300 0.17 -7.58 -4.93
C VAL A 300 0.26 -7.03 -6.36
N ALA A 301 -0.89 -6.64 -6.90
CA ALA A 301 -0.97 -5.98 -8.21
C ALA A 301 -1.37 -4.52 -7.97
N PRO A 302 -0.46 -3.58 -8.24
CA PRO A 302 -0.83 -2.18 -8.10
C PRO A 302 -1.58 -1.69 -9.30
N VAL A 303 -2.66 -0.93 -9.08
CA VAL A 303 -3.55 -0.48 -10.14
C VAL A 303 -3.55 1.05 -10.11
N LEU A 304 -3.13 1.69 -11.20
CA LEU A 304 -3.07 3.14 -11.20
C LEU A 304 -4.36 3.74 -11.77
N ASN A 305 -5.18 2.91 -12.39
CA ASN A 305 -6.53 3.33 -12.79
C ASN A 305 -7.56 2.59 -11.96
N ALA A 306 -8.18 3.29 -11.01
CA ALA A 306 -9.14 2.68 -10.10
C ALA A 306 -10.23 3.70 -9.81
N GLY A 307 -10.27 4.26 -8.62
CA GLY A 307 -11.30 5.23 -8.27
C GLY A 307 -11.25 6.44 -9.15
N ASN A 308 -10.06 6.77 -9.64
CA ASN A 308 -9.95 7.94 -10.50
C ASN A 308 -10.73 7.78 -11.78
N ILE A 309 -11.05 6.54 -12.16
CA ILE A 309 -11.83 6.31 -13.37
C ILE A 309 -13.29 6.75 -13.13
N LEU A 310 -13.83 6.40 -11.97
CA LEU A 310 -15.19 6.81 -11.60
C LEU A 310 -15.27 8.31 -11.44
N GLN A 311 -14.21 8.90 -10.87
CA GLN A 311 -14.16 10.34 -10.70
C GLN A 311 -14.17 11.03 -12.08
N TRP A 312 -13.41 10.48 -13.01
CA TRP A 312 -13.33 11.06 -14.34
C TRP A 312 -14.74 11.05 -14.95
N ALA A 313 -15.44 9.93 -14.78
CA ALA A 313 -16.71 9.69 -15.48
C ALA A 313 -17.79 10.69 -15.06
N LEU A 314 -17.59 11.37 -13.93
CA LEU A 314 -18.56 12.34 -13.50
C LEU A 314 -18.68 13.49 -14.53
N THR A 315 -17.67 13.68 -15.36
CA THR A 315 -17.82 14.68 -16.45
C THR A 315 -19.08 14.38 -17.25
N LEU A 316 -19.41 13.10 -17.40
CA LEU A 316 -20.52 12.73 -18.30
C LEU A 316 -21.86 13.15 -17.74
N VAL A 317 -21.94 13.32 -16.42
CA VAL A 317 -23.17 13.80 -15.78
C VAL A 317 -23.11 15.28 -15.41
N GLY A 318 -22.10 15.98 -15.92
CA GLY A 318 -22.08 17.42 -15.88
C GLY A 318 -21.10 18.04 -14.90
N HIS A 319 -20.30 17.20 -14.23
CA HIS A 319 -19.29 17.74 -13.35
C HIS A 319 -18.29 18.62 -14.05
N ARG A 320 -17.98 19.74 -13.42
CA ARG A 320 -16.95 20.67 -13.87
C ARG A 320 -15.85 20.89 -12.83
N PRO A 321 -14.61 21.09 -13.32
CA PRO A 321 -13.33 21.13 -12.60
C PRO A 321 -13.36 21.69 -11.19
N GLY A 322 -14.16 22.72 -10.92
CA GLY A 322 -14.16 23.28 -9.58
C GLY A 322 -15.19 22.73 -8.60
N GLU A 323 -16.20 22.05 -9.12
CA GLU A 323 -17.40 21.76 -8.34
C GLU A 323 -17.24 20.59 -7.37
N ASP A 324 -18.06 20.58 -6.32
CA ASP A 324 -18.09 19.46 -5.39
C ASP A 324 -18.65 18.25 -6.15
N CYS A 325 -18.15 17.06 -5.85
CA CYS A 325 -18.51 15.85 -6.60
C CYS A 325 -19.69 15.09 -6.05
N ALA A 326 -20.06 15.35 -4.80
CA ALA A 326 -21.05 14.53 -4.11
C ALA A 326 -22.32 14.31 -4.91
N GLU A 327 -22.87 15.41 -5.43
CA GLU A 327 -24.15 15.29 -6.08
C GLU A 327 -24.01 14.53 -7.40
N TYR A 328 -22.87 14.67 -8.05
CA TYR A 328 -22.61 13.95 -9.31
C TYR A 328 -22.40 12.46 -9.07
N PHE A 329 -21.74 12.08 -7.97
CA PHE A 329 -21.70 10.63 -7.67
C PHE A 329 -23.11 10.10 -7.44
N HIS A 330 -23.92 10.88 -6.75
CA HIS A 330 -25.30 10.47 -6.54
C HIS A 330 -26.05 10.26 -7.85
N ALA A 332 -24.78 9.64 -10.93
CA ALA A 332 -24.21 8.52 -11.66
C ALA A 332 -24.72 7.19 -11.09
N ALA A 333 -24.79 7.09 -9.75
CA ALA A 333 -25.27 5.87 -9.15
C ALA A 333 -26.73 5.63 -9.51
N ALA A 334 -27.51 6.70 -9.49
CA ALA A 334 -28.94 6.58 -9.75
C ALA A 334 -29.20 6.20 -11.22
N GLU A 335 -28.37 6.77 -12.10
CA GLU A 335 -28.58 6.55 -13.54
C GLU A 335 -28.26 5.11 -13.97
N VAL A 336 -27.37 4.42 -13.24
CA VAL A 336 -27.04 3.04 -13.62
C VAL A 336 -27.94 1.96 -12.96
N GLN A 337 -28.82 2.33 -12.04
CA GLN A 337 -29.70 1.35 -11.39
C GLN A 337 -30.58 0.71 -12.45
N GLY A 338 -30.61 -0.62 -12.45
CA GLY A 338 -31.46 -1.38 -13.36
C GLY A 338 -30.93 -1.50 -14.79
N VAL A 339 -29.73 -0.97 -15.01
CA VAL A 339 -29.21 -0.92 -16.38
C VAL A 339 -28.37 -2.17 -16.70
N THR A 340 -28.32 -2.56 -17.96
CA THR A 340 -27.44 -3.65 -18.39
C THR A 340 -26.48 -3.13 -19.46
N VAL A 341 -25.21 -3.51 -19.37
CA VAL A 341 -24.25 -3.16 -20.44
C VAL A 341 -24.40 -4.12 -21.61
N PRO A 342 -24.66 -3.59 -22.82
CA PRO A 342 -24.68 -4.51 -23.97
C PRO A 342 -23.37 -5.30 -24.12
N ASP A 343 -23.37 -6.56 -24.56
CA ASP A 343 -22.12 -7.29 -24.70
C ASP A 343 -21.08 -6.58 -25.60
N GLY A 344 -21.57 -5.83 -26.58
CA GLY A 344 -20.67 -5.20 -27.53
C GLY A 344 -20.09 -3.87 -27.05
N LEU A 345 -20.64 -3.30 -25.99
CA LEU A 345 -20.13 -2.00 -25.50
C LEU A 345 -19.03 -2.25 -24.49
N LEU A 346 -17.87 -1.64 -24.68
CA LEU A 346 -16.74 -1.95 -23.83
C LEU A 346 -15.97 -0.67 -23.55
N PHE A 347 -15.66 -0.39 -22.29
CA PHE A 347 -14.82 0.75 -21.94
C PHE A 347 -13.46 0.29 -21.46
N VAL A 348 -12.41 0.68 -22.19
CA VAL A 348 -11.02 0.35 -21.80
C VAL A 348 -10.57 1.52 -20.93
N PRO A 349 -10.24 1.28 -19.67
CA PRO A 349 -10.28 2.36 -18.66
C PRO A 349 -8.93 2.98 -18.35
N TYR A 350 -7.94 2.80 -19.21
CA TYR A 350 -6.60 3.28 -18.86
C TYR A 350 -6.46 4.77 -19.21
N LEU A 351 -7.13 5.62 -18.41
CA LEU A 351 -7.15 7.08 -18.59
C LEU A 351 -5.78 7.69 -18.22
N HIS A 352 -5.05 6.94 -17.41
CA HIS A 352 -3.70 7.29 -16.94
C HIS A 352 -2.73 6.15 -17.20
N ALA A 353 -1.43 6.42 -17.20
CA ALA A 353 -0.44 5.36 -17.29
C ALA A 353 -0.77 4.26 -16.31
N GLU A 354 -0.40 3.03 -16.66
CA GLU A 354 -0.78 1.88 -15.83
C GLU A 354 0.42 0.98 -15.59
N ARG A 355 0.37 0.23 -14.49
CA ARG A 355 1.39 -0.77 -14.14
C ARG A 355 0.87 -2.21 -14.23
N CYS A 356 -0.38 -2.43 -13.82
CA CYS A 356 -0.99 -3.76 -13.85
CA CYS A 356 -1.00 -3.74 -13.89
C CYS A 356 -2.44 -3.49 -14.23
N PRO A 357 -3.01 -4.34 -15.11
CA PRO A 357 -2.49 -5.61 -15.62
C PRO A 357 -1.56 -5.50 -16.83
N VAL A 358 -1.42 -4.28 -17.31
CA VAL A 358 -0.58 -4.04 -18.44
C VAL A 358 0.31 -2.84 -18.10
N GLU A 359 1.56 -2.91 -18.57
CA GLU A 359 2.51 -1.80 -18.44
C GLU A 359 2.28 -0.80 -19.57
N LEU A 360 1.68 0.35 -19.26
CA LEU A 360 1.33 1.34 -20.28
C LEU A 360 1.88 2.69 -19.86
N PRO A 361 2.89 3.19 -20.57
CA PRO A 361 3.45 4.47 -20.12
C PRO A 361 2.57 5.67 -20.54
N ALA A 362 1.67 5.43 -21.47
CA ALA A 362 0.74 6.47 -21.91
C ALA A 362 -0.69 5.94 -21.79
N PRO A 363 -1.68 6.83 -21.66
CA PRO A 363 -3.07 6.37 -21.57
C PRO A 363 -3.50 5.52 -22.74
N ARG A 364 -4.46 4.65 -22.45
CA ARG A 364 -5.13 3.90 -23.49
C ARG A 364 -6.56 3.82 -23.04
N GLY A 365 -7.31 4.89 -23.25
CA GLY A 365 -8.72 4.96 -22.81
C GLY A 365 -9.63 5.01 -24.03
N ALA A 366 -10.70 4.22 -24.03
CA ALA A 366 -11.55 4.14 -25.21
C ALA A 366 -12.92 3.63 -24.83
N LEU A 367 -13.93 4.12 -25.55
CA LEU A 367 -15.26 3.51 -25.50
C LEU A 367 -15.51 2.86 -26.85
N LEU A 368 -15.73 1.53 -26.85
CA LEU A 368 -15.87 0.80 -28.11
C LEU A 368 -17.26 0.21 -28.20
N GLY A 369 -17.69 -0.04 -29.43
CA GLY A 369 -18.98 -0.69 -29.62
C GLY A 369 -20.22 0.20 -29.48
N VAL A 370 -20.04 1.49 -29.77
CA VAL A 370 -21.10 2.44 -29.58
C VAL A 370 -22.05 2.29 -30.80
N THR A 371 -23.34 2.28 -30.53
CA THR A 371 -24.35 2.27 -31.61
C THR A 371 -25.42 3.30 -31.35
N GLY A 372 -26.37 3.45 -32.28
CA GLY A 372 -27.35 4.46 -32.00
C GLY A 372 -28.28 4.19 -30.85
N ALA A 373 -28.21 2.96 -30.33
CA ALA A 373 -29.01 2.55 -29.20
C ALA A 373 -28.30 2.80 -27.86
N THR A 374 -27.00 3.13 -27.92
CA THR A 374 -26.24 3.26 -26.66
C THR A 374 -26.72 4.44 -25.85
N THR A 375 -26.96 4.26 -24.55
CA THR A 375 -27.39 5.38 -23.74
C THR A 375 -26.27 5.81 -22.81
N ARG A 376 -26.37 7.05 -22.32
CA ARG A 376 -25.38 7.50 -21.34
C ARG A 376 -25.36 6.56 -20.12
N ALA A 377 -26.52 6.07 -19.73
CA ALA A 377 -26.57 5.17 -18.56
C ALA A 377 -25.75 3.89 -18.82
N GLN A 378 -25.85 3.34 -20.04
CA GLN A 378 -25.09 2.18 -20.39
C GLN A 378 -23.58 2.53 -20.38
N ILE A 379 -23.25 3.74 -20.82
CA ILE A 379 -21.85 4.14 -20.86
C ILE A 379 -21.31 4.26 -19.44
N LEU A 380 -22.06 4.90 -18.55
CA LEU A 380 -21.61 5.03 -17.15
C LEU A 380 -21.39 3.63 -16.55
N LEU A 381 -22.31 2.69 -16.80
CA LEU A 381 -22.12 1.34 -16.25
C LEU A 381 -20.97 0.61 -16.93
N ALA A 382 -20.79 0.82 -18.23
CA ALA A 382 -19.64 0.25 -18.96
C ALA A 382 -18.31 0.72 -18.39
N VAL A 383 -18.28 1.95 -17.90
CA VAL A 383 -17.08 2.47 -17.26
C VAL A 383 -16.78 1.63 -16.01
N LEU A 384 -17.77 1.38 -15.18
CA LEU A 384 -17.55 0.53 -13.98
C LEU A 384 -17.16 -0.89 -14.39
N GLU A 385 -17.84 -1.42 -15.42
CA GLU A 385 -17.51 -2.73 -15.91
C GLU A 385 -16.06 -2.85 -16.39
N GLY A 386 -15.63 -1.86 -17.18
CA GLY A 386 -14.27 -1.80 -17.68
C GLY A 386 -13.24 -1.81 -16.56
N ALA A 387 -13.54 -1.03 -15.54
CA ALA A 387 -12.63 -0.97 -14.37
C ALA A 387 -12.61 -2.35 -13.72
N ALA A 388 -13.76 -3.01 -13.62
CA ALA A 388 -13.80 -4.36 -13.03
C ALA A 388 -13.10 -5.37 -13.90
N LEU A 389 -13.16 -5.24 -15.24
CA LEU A 389 -12.47 -6.17 -16.11
C LEU A 389 -10.95 -6.03 -15.99
N SER A 390 -10.48 -4.80 -15.75
CA SER A 390 -9.06 -4.60 -15.51
C SER A 390 -8.69 -5.33 -14.22
N LEU A 391 -9.52 -5.19 -13.21
CA LEU A 391 -9.29 -5.93 -11.95
C LEU A 391 -9.36 -7.44 -12.10
N ARG A 392 -10.26 -7.94 -12.97
CA ARG A 392 -10.27 -9.36 -13.25
C ARG A 392 -8.95 -9.84 -13.86
N TRP A 393 -8.37 -9.03 -14.76
CA TRP A 393 -7.12 -9.39 -15.36
C TRP A 393 -6.01 -9.45 -14.29
N CYS A 394 -5.99 -8.47 -13.39
CA CYS A 394 -5.07 -8.52 -12.24
C CYS A 394 -5.28 -9.80 -11.42
N ALA A 395 -6.53 -10.17 -11.20
CA ALA A 395 -6.85 -11.36 -10.39
C ALA A 395 -6.27 -12.61 -11.04
N GLU A 396 -6.33 -12.65 -12.36
CA GLU A 396 -5.81 -13.77 -13.15
C GLU A 396 -4.30 -13.81 -13.04
N LEU A 397 -3.68 -12.65 -13.15
CA LEU A 397 -2.23 -12.56 -13.02
C LEU A 397 -1.80 -12.97 -11.63
N LEU A 398 -2.59 -12.67 -10.62
CA LEU A 398 -2.29 -13.04 -9.25
C LEU A 398 -2.63 -14.50 -8.93
N GLY A 399 -3.36 -15.19 -9.82
CA GLY A 399 -3.69 -16.58 -9.52
C GLY A 399 -4.79 -16.74 -8.48
N GLU A 401 -7.80 -17.88 -8.40
CA GLU A 401 -8.93 -18.78 -8.66
C GLU A 401 -9.51 -19.45 -7.41
N LYS A 402 -8.72 -19.61 -6.36
CA LYS A 402 -9.18 -20.26 -5.12
C LYS A 402 -9.61 -19.30 -4.02
N VAL A 403 -9.62 -18.02 -4.34
CA VAL A 403 -9.98 -17.04 -3.33
C VAL A 403 -11.50 -17.01 -3.17
N GLY A 404 -11.93 -17.07 -1.93
CA GLY A 404 -13.36 -17.10 -1.58
C GLY A 404 -13.97 -15.73 -1.25
N LEU A 405 -13.13 -14.83 -0.71
CA LEU A 405 -13.66 -13.60 -0.19
C LEU A 405 -12.60 -12.54 -0.35
N LEU A 406 -13.00 -11.42 -0.91
CA LEU A 406 -12.11 -10.28 -1.04
C LEU A 406 -12.53 -9.28 0.03
N LYS A 407 -11.59 -8.85 0.89
CA LYS A 407 -11.88 -7.73 1.79
C LYS A 407 -11.64 -6.44 1.05
N VAL A 408 -12.61 -5.53 1.05
CA VAL A 408 -12.50 -4.36 0.21
C VAL A 408 -12.49 -3.09 1.03
N VAL A 409 -11.57 -2.18 0.72
CA VAL A 409 -11.46 -0.91 1.45
C VAL A 409 -11.35 0.23 0.48
N GLY A 410 -11.65 1.42 0.94
CA GLY A 410 -11.39 2.61 0.18
C GLY A 410 -12.63 3.29 -0.35
N GLY A 411 -12.47 4.53 -0.80
CA GLY A 411 -13.63 5.33 -1.18
C GLY A 411 -14.35 4.82 -2.41
N GLY A 412 -13.66 4.09 -3.26
CA GLY A 412 -14.34 3.48 -4.39
C GLY A 412 -15.45 2.56 -3.99
N ALA A 413 -15.36 1.94 -2.79
CA ALA A 413 -16.38 1.03 -2.32
C ALA A 413 -17.71 1.69 -2.01
N ARG A 414 -17.75 3.02 -2.07
CA ARG A 414 -19.01 3.75 -1.94
C ARG A 414 -19.89 3.50 -3.17
N SER A 415 -19.30 3.05 -4.28
CA SER A 415 -20.13 2.75 -5.44
C SER A 415 -20.70 1.35 -5.39
N GLU A 416 -21.97 1.25 -5.02
CA GLU A 416 -22.59 -0.07 -4.91
C GLU A 416 -22.59 -0.76 -6.28
N ALA A 417 -22.74 0.03 -7.35
CA ALA A 417 -22.74 -0.62 -8.65
C ALA A 417 -21.36 -1.15 -9.03
N TRP A 418 -20.31 -0.44 -8.66
CA TRP A 418 -18.96 -0.94 -8.95
C TRP A 418 -18.74 -2.24 -8.16
N LEU A 419 -19.14 -2.28 -6.90
CA LEU A 419 -18.94 -3.50 -6.11
C LEU A 419 -19.65 -4.69 -6.76
N ARG A 420 -20.88 -4.47 -7.27
CA ARG A 420 -21.58 -5.53 -7.96
C ARG A 420 -20.80 -5.98 -9.19
N ILE A 422 -17.59 -5.76 -9.67
CA ILE A 422 -16.39 -6.51 -9.26
C ILE A 422 -16.75 -7.91 -8.79
N ALA A 423 -17.77 -8.04 -7.94
CA ALA A 423 -18.11 -9.38 -7.45
C ALA A 423 -18.46 -10.29 -8.60
N ASP A 424 -19.28 -9.79 -9.51
CA ASP A 424 -19.75 -10.65 -10.60
C ASP A 424 -18.63 -10.95 -11.60
N ASN A 425 -17.81 -9.97 -11.91
CA ASN A 425 -16.72 -10.24 -12.87
C ASN A 425 -15.52 -11.03 -12.36
N LEU A 426 -15.16 -10.85 -11.08
CA LEU A 426 -14.11 -11.64 -10.47
C LEU A 426 -14.67 -12.97 -9.96
N ASN A 427 -16.00 -13.07 -9.94
CA ASN A 427 -16.73 -14.23 -9.40
C ASN A 427 -16.22 -14.52 -7.99
N VAL A 428 -16.34 -13.51 -7.15
CA VAL A 428 -15.79 -13.62 -5.82
C VAL A 428 -16.72 -12.84 -4.89
N SER A 429 -16.88 -13.33 -3.66
CA SER A 429 -17.66 -12.57 -2.67
C SER A 429 -16.82 -11.44 -2.08
N LEU A 430 -17.50 -10.37 -1.65
CA LEU A 430 -16.79 -9.15 -1.18
C LEU A 430 -17.28 -8.76 0.19
N LEU A 431 -16.36 -8.30 1.05
CA LEU A 431 -16.81 -7.72 2.33
C LEU A 431 -16.18 -6.37 2.48
N VAL A 432 -16.98 -5.30 2.52
CA VAL A 432 -16.42 -3.97 2.65
C VAL A 432 -16.06 -3.75 4.12
N LYS A 433 -14.85 -3.25 4.35
CA LYS A 433 -14.38 -2.95 5.70
C LYS A 433 -14.25 -1.46 5.85
N PRO A 434 -15.16 -0.82 6.61
CA PRO A 434 -15.13 0.63 6.69
C PRO A 434 -14.03 1.18 7.57
N ASP A 435 -13.88 2.49 7.59
CA ASP A 435 -12.92 3.18 8.48
C ASP A 435 -11.52 2.69 8.16
N ALA A 436 -11.13 2.82 6.90
CA ALA A 436 -9.88 2.23 6.43
C ALA A 436 -8.66 2.84 7.11
N HIS A 437 -8.78 4.07 7.59
CA HIS A 437 -7.61 4.72 8.16
C HIS A 437 -7.20 4.02 9.47
N LEU A 438 -8.11 3.27 10.07
CA LEU A 438 -7.78 2.59 11.31
C LEU A 438 -7.19 1.18 11.07
N HIS A 439 -7.33 0.62 9.86
CA HIS A 439 -6.91 -0.77 9.63
C HIS A 439 -5.42 -1.04 9.96
N PRO A 440 -4.50 -0.17 9.56
CA PRO A 440 -3.11 -0.50 9.93
C PRO A 440 -2.92 -0.42 11.44
N LEU A 441 -3.65 0.49 12.09
CA LEU A 441 -3.49 0.60 13.54
C LEU A 441 -3.97 -0.66 14.24
N ARG A 442 -5.06 -1.25 13.72
CA ARG A 442 -5.57 -2.51 14.25
C ARG A 442 -4.59 -3.63 14.09
N GLY A 443 -3.93 -3.67 12.93
CA GLY A 443 -2.98 -4.74 12.66
C GLY A 443 -1.76 -4.62 13.58
N LEU A 444 -1.30 -3.40 13.75
CA LEU A 444 -0.19 -3.12 14.67
C LEU A 444 -0.58 -3.46 16.08
N ALA A 445 -1.79 -3.09 16.47
CA ALA A 445 -2.19 -3.41 17.87
C ALA A 445 -2.21 -4.90 18.11
N ALA A 446 -2.71 -5.65 17.12
CA ALA A 446 -2.76 -7.09 17.27
C ALA A 446 -1.39 -7.72 17.38
N LEU A 447 -0.44 -7.31 16.53
CA LEU A 447 0.85 -7.92 16.58
C LEU A 447 1.59 -7.54 17.88
N ALA A 448 1.40 -6.31 18.38
CA ALA A 448 2.03 -5.90 19.61
C ALA A 448 1.38 -6.62 20.81
N ALA A 449 0.07 -6.82 20.72
CA ALA A 449 -0.64 -7.50 21.82
C ALA A 449 -0.07 -8.88 22.03
N VAL A 450 0.30 -9.56 20.95
CA VAL A 450 0.90 -10.87 21.12
C VAL A 450 2.26 -10.77 21.84
N GLU A 451 3.10 -9.82 21.44
CA GLU A 451 4.40 -9.66 22.10
C GLU A 451 4.28 -9.29 23.58
N LEU A 452 3.22 -8.57 23.94
CA LEU A 452 2.95 -8.16 25.32
C LEU A 452 2.24 -9.26 26.12
N GLU A 453 1.91 -10.37 25.45
CA GLU A 453 1.14 -11.47 26.08
C GLU A 453 -0.24 -11.04 26.51
N TRP A 454 -0.80 -10.07 25.80
CA TRP A 454 -2.21 -9.73 25.97
C TRP A 454 -3.11 -10.72 25.25
N SER A 455 -2.58 -11.31 24.19
CA SER A 455 -3.34 -12.26 23.38
CA SER A 455 -3.33 -12.24 23.33
C SER A 455 -2.42 -13.36 22.91
N HIS A 456 -2.97 -14.56 22.66
CA HIS A 456 -2.14 -15.65 22.18
C HIS A 456 -1.77 -15.51 20.70
N SER A 457 -2.62 -14.83 19.95
CA SER A 457 -2.37 -14.68 18.51
C SER A 457 -3.07 -13.46 17.91
N ILE A 458 -2.59 -13.04 16.74
CA ILE A 458 -3.21 -11.97 16.05
C ILE A 458 -4.65 -12.31 15.71
N GLN A 459 -4.89 -13.54 15.29
CA GLN A 459 -6.25 -13.97 15.00
C GLN A 459 -7.18 -13.85 16.21
N ASP A 460 -6.69 -14.27 17.38
CA ASP A 460 -7.52 -14.19 18.58
C ASP A 460 -7.86 -12.75 18.88
N PHE A 461 -6.86 -11.87 18.72
CA PHE A 461 -7.03 -10.47 19.10
C PHE A 461 -8.05 -9.81 18.18
N LEU A 462 -7.90 -10.08 16.88
CA LEU A 462 -8.75 -9.45 15.89
C LEU A 462 -10.21 -9.93 15.99
N ARG A 463 -10.38 -11.21 16.28
CA ARG A 463 -11.73 -11.71 16.36
C ARG A 463 -12.45 -11.18 17.59
N GLU A 464 -11.73 -11.03 18.70
CA GLU A 464 -12.35 -10.42 19.86
C GLU A 464 -12.72 -8.95 19.59
N ALA A 465 -11.83 -8.22 18.95
CA ALA A 465 -12.14 -6.84 18.60
C ALA A 465 -13.37 -6.76 17.70
N ASP A 466 -13.52 -7.73 16.79
CA ASP A 466 -14.68 -7.78 15.91
C ASP A 466 -16.02 -8.02 16.65
N LEU A 467 -15.99 -8.64 17.81
CA LEU A 467 -17.24 -8.80 18.58
C LEU A 467 -17.85 -7.47 18.97
N ARG A 468 -17.08 -6.40 18.95
CA ARG A 468 -17.61 -5.07 19.26
C ARG A 468 -18.62 -4.61 18.22
N SER A 472 -21.32 -7.41 9.47
CA SER A 472 -21.87 -6.78 8.27
C SER A 472 -22.07 -7.84 7.18
N ASN A 473 -22.99 -7.62 6.23
CA ASN A 473 -23.27 -8.70 5.25
C ASN A 473 -22.31 -8.73 4.08
N ILE A 474 -21.88 -9.93 3.73
CA ILE A 474 -21.06 -10.14 2.56
C ILE A 474 -21.87 -9.98 1.29
N LEU A 475 -21.23 -9.44 0.25
CA LEU A 475 -21.86 -9.28 -1.06
C LEU A 475 -21.41 -10.46 -1.92
N HIS A 476 -22.34 -11.28 -2.39
CA HIS A 476 -21.96 -12.49 -3.14
C HIS A 476 -22.20 -12.31 -4.64
N PRO A 477 -21.44 -13.02 -5.45
CA PRO A 477 -21.58 -12.81 -6.89
C PRO A 477 -22.93 -13.36 -7.38
N GLN A 478 -23.52 -12.72 -8.39
CA GLN A 478 -24.74 -13.28 -9.02
C GLN A 478 -24.35 -14.42 -9.93
N PRO A 479 -25.23 -15.41 -10.09
CA PRO A 479 -24.89 -16.41 -11.10
C PRO A 479 -24.90 -15.70 -12.45
N CYS A 480 -23.97 -16.07 -13.29
CA CYS A 480 -23.77 -15.48 -14.59
C CYS A 480 -23.72 -16.61 -15.61
N ASP A 481 -23.69 -16.23 -16.86
CA ASP A 481 -23.29 -17.14 -17.91
C ASP A 481 -21.77 -16.99 -17.90
N GLU A 482 -21.12 -17.89 -17.20
CA GLU A 482 -19.73 -17.77 -17.00
C GLU A 482 -19.05 -17.59 -18.32
N GLY A 483 -19.48 -18.34 -19.32
CA GLY A 483 -18.84 -18.37 -20.62
C GLY A 483 -18.97 -17.01 -21.28
N ARG A 484 -20.12 -16.38 -21.11
CA ARG A 484 -20.42 -15.10 -21.74
C ARG A 484 -19.57 -14.01 -21.08
N ARG A 485 -19.43 -14.08 -19.76
CA ARG A 485 -18.58 -13.09 -19.08
C ARG A 485 -17.12 -13.30 -19.45
N ARG A 486 -16.70 -14.56 -19.52
CA ARG A 486 -15.34 -14.84 -19.94
C ARG A 486 -15.06 -14.34 -21.35
N ARG A 487 -15.99 -14.54 -22.26
CA ARG A 487 -15.76 -14.10 -23.63
C ARG A 487 -15.59 -12.58 -23.68
N LYS A 488 -16.38 -11.85 -22.91
CA LYS A 488 -16.23 -10.39 -22.94
C LYS A 488 -14.86 -10.00 -22.37
N PHE A 489 -14.43 -10.74 -21.35
CA PHE A 489 -13.14 -10.50 -20.73
C PHE A 489 -12.03 -10.75 -21.75
N GLU A 490 -12.16 -11.81 -22.53
CA GLU A 490 -11.15 -12.09 -23.55
C GLU A 490 -11.19 -10.98 -24.62
N ARG A 491 -12.37 -10.49 -24.95
CA ARG A 491 -12.45 -9.39 -25.92
C ARG A 491 -11.76 -8.16 -25.35
N PHE A 492 -11.96 -7.92 -24.06
CA PHE A 492 -11.30 -6.77 -23.41
C PHE A 492 -9.80 -6.84 -23.58
N LYS A 493 -9.20 -8.00 -23.37
CA LYS A 493 -7.77 -8.13 -23.52
C LYS A 493 -7.36 -7.90 -24.98
N GLN A 494 -8.15 -8.45 -25.91
CA GLN A 494 -7.90 -8.20 -27.34
C GLN A 494 -7.94 -6.69 -27.69
N CYS A 495 -8.93 -5.97 -27.15
CA CYS A 495 -9.07 -4.56 -27.45
C CYS A 495 -7.92 -3.78 -26.87
N VAL A 496 -7.47 -4.15 -25.67
CA VAL A 496 -6.34 -3.42 -25.12
C VAL A 496 -5.11 -3.54 -25.98
N GLU A 497 -4.86 -4.74 -26.47
CA GLU A 497 -3.74 -4.99 -27.36
C GLU A 497 -3.89 -4.24 -28.69
N THR A 498 -5.07 -4.34 -29.28
CA THR A 498 -5.32 -3.70 -30.58
C THR A 498 -5.18 -2.18 -30.53
N LEU A 499 -5.65 -1.57 -29.45
CA LEU A 499 -5.56 -0.12 -29.30
C LEU A 499 -4.12 0.36 -29.19
N GLY A 500 -3.21 -0.54 -28.83
CA GLY A 500 -1.79 -0.22 -28.82
C GLY A 500 -1.29 -0.04 -30.23
N ARG A 501 -2.15 -0.39 -31.19
CA ARG A 501 -1.81 -0.44 -32.60
C ARG A 501 -0.73 -1.48 -32.79
#